data_4DQ9
#
_entry.id   4DQ9
#
_cell.length_a   53.391
_cell.length_b   71.110
_cell.length_c   84.646
_cell.angle_alpha   90.00
_cell.angle_beta   90.00
_cell.angle_gamma   90.00
#
_symmetry.space_group_name_H-M   'P 21 21 21'
#
loop_
_entity.id
_entity.type
_entity.pdbx_description
1 polymer 'General secretion pathway protein H'
2 non-polymer 'SODIUM ION'
3 non-polymer 'CHLORIDE ION'
4 water water
#
_entity_poly.entity_id   1
_entity_poly.type   'polypeptide(L)'
_entity_poly.pdbx_seq_one_letter_code
;SVKDEAKISAQSFYQRLLLLNEEAILSGQDFGVRIDVDTRRLTFLQLTADKGWQKWQNDKMTNQTTLKEGLQLDFELGGG
AWQKDDRLFNPGSLFDEEMFADEKKEQKQEPAPQLFVLSSGEVTPFTLSIFPKGQEPDEQWRVTAQENGTLRLLAPGESD
EELEHHHHHH
;
_entity_poly.pdbx_strand_id   A,B
#
loop_
_chem_comp.id
_chem_comp.type
_chem_comp.name
_chem_comp.formula
CL non-polymer 'CHLORIDE ION' 'Cl -1'
NA non-polymer 'SODIUM ION' 'Na 1'
#
# COMPACT_ATOMS: atom_id res chain seq x y z
N SER A 1 -19.22 22.35 22.72
CA SER A 1 -17.99 22.18 23.51
C SER A 1 -17.07 21.22 22.79
N VAL A 2 -15.84 21.14 23.27
CA VAL A 2 -14.90 20.20 22.66
C VAL A 2 -15.43 18.74 22.70
N LYS A 3 -16.15 18.33 23.76
CA LYS A 3 -16.63 16.95 23.80
C LYS A 3 -17.66 16.76 22.70
N ASP A 4 -18.45 17.80 22.40
CA ASP A 4 -19.49 17.71 21.39
C ASP A 4 -18.79 17.58 20.03
N GLU A 5 -17.70 18.32 19.87
CA GLU A 5 -16.88 18.26 18.68
C GLU A 5 -16.30 16.90 18.45
N ALA A 6 -15.86 16.25 19.51
CA ALA A 6 -15.25 14.91 19.38
C ALA A 6 -16.26 13.92 18.80
N LYS A 7 -17.49 13.94 19.29
CA LYS A 7 -18.56 13.10 18.79
C LYS A 7 -18.79 13.31 17.27
N ILE A 8 -18.92 14.57 16.90
CA ILE A 8 -19.21 14.97 15.52
C ILE A 8 -18.06 14.47 14.65
N SER A 9 -16.83 14.63 15.16
CA SER A 9 -15.63 14.19 14.38
C SER A 9 -15.59 12.67 14.26
N ALA A 10 -16.08 11.97 15.24
CA ALA A 10 -16.06 10.49 15.17
C ALA A 10 -17.16 10.05 14.20
N GLN A 11 -18.30 10.73 14.20
CA GLN A 11 -19.40 10.40 13.25
C GLN A 11 -18.92 10.65 11.84
N SER A 12 -18.17 11.75 11.66
CA SER A 12 -17.69 12.13 10.31
C SER A 12 -16.76 11.01 9.84
N PHE A 13 -15.80 10.60 10.67
CA PHE A 13 -14.93 9.49 10.24
C PHE A 13 -15.69 8.20 9.92
N TYR A 14 -16.65 7.83 10.74
CA TYR A 14 -17.46 6.65 10.57
C TYR A 14 -18.14 6.70 9.22
N GLN A 15 -18.74 7.84 8.89
CA GLN A 15 -19.50 7.99 7.66
C GLN A 15 -18.59 7.87 6.48
N ARG A 16 -17.35 8.39 6.63
CA ARG A 16 -16.43 8.36 5.51
C ARG A 16 -15.84 6.97 5.32
N LEU A 17 -15.56 6.27 6.41
CA LEU A 17 -15.04 4.94 6.30
C LEU A 17 -16.14 4.02 5.64
N LEU A 18 -17.37 4.14 6.09
CA LEU A 18 -18.45 3.31 5.58
C LEU A 18 -18.54 3.56 4.11
N LEU A 19 -18.47 4.83 3.70
CA LEU A 19 -18.60 5.20 2.31
C LEU A 19 -17.52 4.56 1.46
N LEU A 20 -16.28 4.60 1.96
CA LEU A 20 -15.15 4.07 1.18
C LEU A 20 -15.29 2.54 1.10
N ASN A 21 -15.76 1.84 2.14
CA ASN A 21 -15.97 0.40 2.16
C ASN A 21 -16.99 0.02 1.08
N GLU A 22 -18.08 0.78 1.07
CA GLU A 22 -19.12 0.66 0.03
C GLU A 22 -18.59 0.90 -1.38
N GLU A 23 -17.71 1.92 -1.55
CA GLU A 23 -17.16 2.26 -2.83
C GLU A 23 -16.30 1.11 -3.31
N ALA A 24 -15.48 0.57 -2.41
CA ALA A 24 -14.55 -0.54 -2.75
C ALA A 24 -15.38 -1.71 -3.28
N ILE A 25 -16.43 -2.06 -2.56
CA ILE A 25 -17.24 -3.26 -2.88
C ILE A 25 -17.95 -3.04 -4.24
N LEU A 26 -18.57 -1.87 -4.46
CA LEU A 26 -19.34 -1.56 -5.66
C LEU A 26 -18.41 -1.42 -6.87
N SER A 27 -17.20 -0.87 -6.69
CA SER A 27 -16.35 -0.45 -7.84
C SER A 27 -15.30 -1.44 -8.17
N GLY A 28 -15.01 -2.35 -7.25
CA GLY A 28 -13.90 -3.28 -7.48
C GLY A 28 -12.51 -2.66 -7.33
N GLN A 29 -12.47 -1.49 -6.76
CA GLN A 29 -11.20 -0.78 -6.61
C GLN A 29 -10.85 -0.75 -5.12
N ASP A 30 -9.57 -0.54 -4.80
CA ASP A 30 -9.12 -0.53 -3.39
C ASP A 30 -8.90 0.93 -2.97
N PHE A 31 -9.28 1.22 -1.73
CA PHE A 31 -9.13 2.51 -1.07
C PHE A 31 -8.37 2.35 0.23
N GLY A 32 -8.11 3.45 0.89
CA GLY A 32 -7.35 3.37 2.09
C GLY A 32 -7.50 4.66 2.89
N VAL A 33 -7.09 4.64 4.18
CA VAL A 33 -7.11 5.83 4.98
C VAL A 33 -5.70 6.00 5.58
N ARG A 34 -5.08 7.17 5.34
CA ARG A 34 -3.82 7.54 6.01
C ARG A 34 -4.13 8.40 7.25
N ILE A 35 -3.72 7.94 8.45
CA ILE A 35 -3.87 8.72 9.62
C ILE A 35 -2.53 9.39 9.97
N ASP A 36 -2.53 10.71 10.19
CA ASP A 36 -1.34 11.48 10.56
C ASP A 36 -1.62 12.06 11.93
N VAL A 37 -1.14 11.38 12.95
CA VAL A 37 -1.48 11.74 14.34
C VAL A 37 -0.87 13.05 14.69
N ASP A 38 0.30 13.36 14.11
CA ASP A 38 0.94 14.63 14.52
C ASP A 38 0.25 15.87 14.00
N THR A 39 -0.42 15.83 12.86
CA THR A 39 -1.11 16.92 12.25
C THR A 39 -2.66 16.76 12.41
N ARG A 40 -3.10 15.66 13.00
CA ARG A 40 -4.50 15.37 13.28
C ARG A 40 -5.28 15.32 11.95
N ARG A 41 -4.72 14.67 10.95
CA ARG A 41 -5.31 14.65 9.63
C ARG A 41 -5.69 13.24 9.23
N LEU A 42 -6.77 13.11 8.43
CA LEU A 42 -7.12 11.82 7.92
C LEU A 42 -7.21 12.09 6.44
N THR A 43 -6.58 11.20 5.66
CA THR A 43 -6.69 11.37 4.18
C THR A 43 -7.22 10.09 3.54
N PHE A 44 -8.12 10.26 2.56
CA PHE A 44 -8.88 9.15 1.99
C PHE A 44 -8.35 8.92 0.59
N LEU A 45 -7.71 7.78 0.39
CA LEU A 45 -6.88 7.46 -0.78
C LEU A 45 -7.49 6.32 -1.63
N GLN A 46 -7.15 6.32 -2.93
CA GLN A 46 -7.43 5.30 -3.87
C GLN A 46 -6.13 4.75 -4.46
N LEU A 47 -6.10 3.44 -4.63
CA LEU A 47 -4.92 2.82 -5.25
C LEU A 47 -5.16 2.68 -6.81
N THR A 48 -4.26 3.18 -7.64
CA THR A 48 -4.37 2.99 -9.09
C THR A 48 -3.02 2.39 -9.50
N ALA A 49 -3.02 1.63 -10.57
CA ALA A 49 -1.82 0.96 -11.00
C ALA A 49 -0.84 2.01 -11.55
N ASP A 50 -1.36 3.01 -12.23
CA ASP A 50 -0.46 3.94 -12.83
C ASP A 50 0.06 5.04 -11.96
N LYS A 51 -0.57 5.38 -10.84
CA LYS A 51 -0.09 6.42 -9.94
C LYS A 51 0.00 6.04 -8.48
N GLY A 52 -0.24 4.77 -8.18
CA GLY A 52 -0.19 4.23 -6.85
C GLY A 52 -1.27 4.85 -5.98
N TRP A 53 -0.99 5.05 -4.67
CA TRP A 53 -1.98 5.71 -3.78
C TRP A 53 -2.08 7.22 -4.10
N GLN A 54 -3.31 7.68 -4.34
CA GLN A 54 -3.58 9.09 -4.57
C GLN A 54 -4.76 9.51 -3.77
N LYS A 55 -4.86 10.80 -3.44
CA LYS A 55 -6.10 11.25 -2.83
C LYS A 55 -7.34 10.95 -3.73
N TRP A 56 -8.41 10.46 -3.17
CA TRP A 56 -9.57 10.06 -4.02
C TRP A 56 -10.35 11.29 -4.41
N GLN A 57 -10.30 11.67 -5.68
CA GLN A 57 -11.13 12.83 -6.10
C GLN A 57 -12.45 12.31 -6.55
N ASN A 58 -13.52 12.81 -5.92
CA ASN A 58 -14.79 12.18 -6.10
C ASN A 58 -15.88 13.18 -5.82
N ASP A 59 -17.10 12.80 -6.15
CA ASP A 59 -18.25 13.67 -5.98
C ASP A 59 -19.12 13.30 -4.80
N LYS A 60 -18.60 12.54 -3.83
CA LYS A 60 -19.37 12.06 -2.66
C LYS A 60 -18.89 12.65 -1.36
N MET A 61 -17.61 12.93 -1.24
CA MET A 61 -16.97 13.39 0.02
C MET A 61 -15.63 14.07 -0.22
N THR A 62 -15.26 15.04 0.61
CA THR A 62 -13.91 15.52 0.61
C THR A 62 -12.96 14.39 1.01
N ASN A 63 -11.73 14.49 0.55
CA ASN A 63 -10.76 13.42 0.75
C ASN A 63 -9.67 13.69 1.82
N GLN A 64 -9.74 14.80 2.55
CA GLN A 64 -8.85 15.06 3.64
C GLN A 64 -9.62 15.83 4.70
N THR A 65 -9.52 15.40 5.93
CA THR A 65 -10.14 16.16 7.06
C THR A 65 -9.06 16.45 8.12
N THR A 66 -9.13 17.59 8.81
CA THR A 66 -8.14 17.92 9.85
C THR A 66 -8.99 18.29 11.08
N LEU A 67 -8.66 17.69 12.21
CA LEU A 67 -9.36 18.01 13.44
C LEU A 67 -9.21 19.51 13.83
N LYS A 68 -10.29 20.05 14.38
CA LYS A 68 -10.31 21.37 14.95
C LYS A 68 -9.38 21.42 16.15
N GLU A 69 -8.88 22.62 16.42
CA GLU A 69 -7.94 22.84 17.53
C GLU A 69 -8.71 22.50 18.76
N GLY A 70 -8.04 21.80 19.61
CA GLY A 70 -8.62 21.34 20.87
C GLY A 70 -8.91 19.87 20.86
N LEU A 71 -8.99 19.22 19.67
CA LEU A 71 -9.12 17.79 19.58
C LEU A 71 -7.81 17.11 19.22
N GLN A 72 -7.70 15.86 19.64
CA GLN A 72 -6.56 14.97 19.35
C GLN A 72 -7.14 13.74 18.67
N LEU A 73 -6.29 13.07 17.92
CA LEU A 73 -6.65 11.74 17.55
C LEU A 73 -5.48 10.73 17.80
N ASP A 74 -5.86 9.48 17.85
CA ASP A 74 -4.92 8.38 18.04
C ASP A 74 -5.43 7.09 17.45
N PHE A 75 -4.59 6.11 17.24
CA PHE A 75 -5.08 4.90 16.62
C PHE A 75 -4.20 3.69 17.10
N GLU A 76 -4.81 2.53 16.99
CA GLU A 76 -4.23 1.22 17.30
C GLU A 76 -4.50 0.37 16.06
N LEU A 77 -3.51 -0.43 15.64
CA LEU A 77 -3.72 -1.50 14.67
C LEU A 77 -3.85 -2.82 15.30
N GLY A 78 -4.98 -3.45 15.02
CA GLY A 78 -5.25 -4.79 15.49
C GLY A 78 -5.21 -4.74 17.01
N GLY A 79 -4.45 -5.63 17.60
CA GLY A 79 -4.36 -5.68 19.04
C GLY A 79 -3.22 -4.86 19.60
N GLY A 80 -2.65 -3.98 18.79
CA GLY A 80 -1.41 -3.30 19.19
C GLY A 80 -1.62 -2.06 20.02
N ALA A 81 -0.51 -1.39 20.23
CA ALA A 81 -0.47 -0.24 21.16
C ALA A 81 -0.92 1.01 20.48
N TRP A 82 -1.32 2.00 21.26
CA TRP A 82 -1.63 3.33 20.65
C TRP A 82 -0.38 3.84 19.95
N GLN A 83 -0.56 4.47 18.79
CA GLN A 83 0.50 4.89 17.91
C GLN A 83 1.16 6.21 18.26
N LYS A 84 0.38 7.12 18.83
CA LYS A 84 0.91 8.46 19.07
C LYS A 84 1.90 8.41 20.25
N ASP A 85 3.00 9.17 20.13
CA ASP A 85 3.95 9.30 21.25
C ASP A 85 3.44 10.35 22.23
N ASP A 86 4.14 10.53 23.38
CA ASP A 86 3.75 11.43 24.42
C ASP A 86 4.04 12.90 24.21
N ARG A 87 4.79 13.28 23.20
CA ARG A 87 5.10 14.66 23.03
C ARG A 87 3.89 15.50 22.88
N LEU A 88 3.99 16.71 23.28
CA LEU A 88 2.90 17.71 23.03
C LEU A 88 2.81 18.02 21.57
N PHE A 89 3.96 17.99 20.92
CA PHE A 89 4.01 18.24 19.49
C PHE A 89 5.31 17.61 18.95
N ASN A 90 5.26 17.26 17.68
CA ASN A 90 6.46 16.82 16.94
C ASN A 90 7.13 18.07 16.40
N PRO A 91 8.35 18.40 16.87
CA PRO A 91 8.94 19.63 16.41
C PRO A 91 8.96 19.70 14.89
N GLY A 92 9.24 18.59 14.23
CA GLY A 92 9.27 18.68 12.73
C GLY A 92 7.93 18.89 12.01
N SER A 93 6.84 18.43 12.60
CA SER A 93 5.52 18.50 11.95
C SER A 93 4.83 19.90 12.03
N LEU A 94 5.40 20.84 12.82
CA LEU A 94 4.81 22.19 12.96
C LEU A 94 4.91 22.94 11.65
N PHE A 95 6.05 22.76 10.96
CA PHE A 95 6.37 23.46 9.69
C PHE A 95 5.40 23.03 8.57
N ASP A 96 4.67 24.00 8.00
CA ASP A 96 3.84 23.70 6.84
C ASP A 96 4.71 23.38 5.63
N GLU A 97 5.89 24.00 5.52
CA GLU A 97 6.85 23.82 4.40
C GLU A 97 7.90 22.72 4.62
N GLU A 98 8.30 22.01 3.56
CA GLU A 98 9.42 21.08 3.62
C GLU A 98 10.70 21.82 4.09
N MET A 99 11.44 21.19 5.03
CA MET A 99 12.64 21.76 5.65
C MET A 99 13.98 21.15 5.20
N PHE A 100 13.94 19.92 4.63
CA PHE A 100 15.18 19.22 4.23
C PHE A 100 15.36 19.14 2.69
N GLN A 109 3.98 9.83 -4.68
CA GLN A 109 4.70 10.02 -3.41
C GLN A 109 3.78 10.48 -2.26
N GLU A 110 2.49 10.31 -2.49
CA GLU A 110 1.47 10.32 -1.43
C GLU A 110 1.73 9.14 -0.47
N PRO A 111 2.01 9.40 0.80
CA PRO A 111 2.37 8.31 1.76
C PRO A 111 1.26 7.29 1.89
N ALA A 112 1.61 6.01 2.03
CA ALA A 112 0.66 4.93 1.98
C ALA A 112 -0.27 4.91 3.18
N PRO A 113 -1.48 4.49 2.92
CA PRO A 113 -2.45 4.39 4.05
C PRO A 113 -2.07 3.29 5.01
N GLN A 114 -2.36 3.45 6.31
CA GLN A 114 -2.20 2.37 7.28
C GLN A 114 -3.45 1.52 7.29
N LEU A 115 -4.55 2.05 6.82
CA LEU A 115 -5.82 1.31 6.76
C LEU A 115 -6.19 0.97 5.34
N PHE A 116 -6.20 -0.30 4.98
CA PHE A 116 -6.63 -0.73 3.69
C PHE A 116 -8.10 -1.03 3.67
N VAL A 117 -8.74 -0.59 2.61
CA VAL A 117 -10.18 -0.72 2.42
C VAL A 117 -10.31 -1.39 1.06
N LEU A 118 -10.25 -2.72 1.08
CA LEU A 118 -10.06 -3.48 -0.14
C LEU A 118 -11.43 -3.81 -0.85
N SER A 119 -11.34 -4.10 -2.15
CA SER A 119 -12.46 -4.46 -2.97
C SER A 119 -13.23 -5.69 -2.51
N SER A 120 -12.55 -6.54 -1.74
CA SER A 120 -13.15 -7.74 -1.17
C SER A 120 -14.10 -7.40 -0.04
N GLY A 121 -14.15 -6.16 0.40
CA GLY A 121 -14.89 -5.80 1.61
C GLY A 121 -14.15 -5.85 2.94
N GLU A 122 -12.89 -6.32 2.92
CA GLU A 122 -12.03 -6.41 4.09
C GLU A 122 -11.44 -5.07 4.43
N VAL A 123 -11.29 -4.85 5.73
CA VAL A 123 -10.75 -3.57 6.19
C VAL A 123 -9.71 -3.96 7.22
N THR A 124 -8.61 -3.25 7.19
CA THR A 124 -7.58 -3.42 8.22
C THR A 124 -8.14 -3.28 9.65
N PRO A 125 -7.86 -4.27 10.58
CA PRO A 125 -8.41 -4.11 11.93
C PRO A 125 -7.78 -2.96 12.62
N PHE A 126 -8.57 -2.09 13.22
CA PHE A 126 -7.99 -0.93 13.88
C PHE A 126 -9.02 -0.31 14.84
N THR A 127 -8.53 0.62 15.66
CA THR A 127 -9.36 1.53 16.47
C THR A 127 -8.80 2.97 16.26
N LEU A 128 -9.68 3.92 15.92
CA LEU A 128 -9.29 5.33 15.82
C LEU A 128 -10.10 6.03 16.91
N SER A 129 -9.44 6.77 17.78
CA SER A 129 -10.20 7.52 18.76
C SER A 129 -9.91 8.98 18.66
N ILE A 130 -10.92 9.75 19.03
CA ILE A 130 -10.95 11.24 18.87
C ILE A 130 -11.42 11.78 20.20
N PHE A 131 -10.70 12.73 20.69
CA PHE A 131 -10.87 13.16 22.06
C PHE A 131 -10.25 14.52 22.37
N PRO A 132 -10.77 15.17 23.41
CA PRO A 132 -10.29 16.49 23.69
C PRO A 132 -8.82 16.44 24.16
N LYS A 133 -8.11 17.51 23.75
CA LYS A 133 -6.69 17.75 24.23
C LYS A 133 -6.66 17.74 25.76
N GLY A 134 -5.72 17.01 26.36
CA GLY A 134 -5.59 16.92 27.86
C GLY A 134 -6.01 15.54 28.35
N GLN A 135 -6.66 14.79 27.49
CA GLN A 135 -7.16 13.45 27.83
C GLN A 135 -6.33 12.36 27.08
N GLU A 136 -6.46 11.16 27.60
CA GLU A 136 -5.86 9.95 27.05
C GLU A 136 -6.83 9.38 25.99
N PRO A 137 -6.28 8.57 25.08
CA PRO A 137 -7.08 8.01 24.01
C PRO A 137 -8.05 6.86 24.34
N ASP A 138 -7.90 6.25 25.53
CA ASP A 138 -8.67 5.11 25.90
C ASP A 138 -10.13 5.49 26.25
N GLU A 139 -11.04 4.65 25.86
CA GLU A 139 -12.44 4.76 26.20
C GLU A 139 -13.00 6.08 25.74
N GLN A 140 -12.69 6.48 24.50
CA GLN A 140 -13.16 7.79 23.91
C GLN A 140 -14.10 7.51 22.76
N TRP A 141 -14.66 8.54 22.13
CA TRP A 141 -15.42 8.31 20.89
C TRP A 141 -14.38 7.64 19.98
N ARG A 142 -14.83 6.60 19.32
CA ARG A 142 -13.91 5.77 18.53
C ARG A 142 -14.68 5.06 17.43
N VAL A 143 -13.92 4.80 16.37
CA VAL A 143 -14.40 3.96 15.30
C VAL A 143 -13.46 2.77 15.23
N THR A 144 -14.00 1.56 15.13
CA THR A 144 -13.21 0.36 15.10
C THR A 144 -13.62 -0.49 13.90
N ALA A 145 -12.66 -1.15 13.29
CA ALA A 145 -12.96 -2.23 12.36
C ALA A 145 -12.45 -3.52 12.90
N GLN A 146 -13.06 -4.56 12.33
N GLN A 146 -13.31 -4.47 13.27
CA GLN A 146 -12.36 -5.83 12.14
CA GLN A 146 -12.81 -5.72 13.94
C GLN A 146 -12.18 -6.28 10.62
C GLN A 146 -12.53 -6.85 12.92
N GLU A 147 -11.43 -7.34 10.42
N GLU A 147 -11.91 -7.99 13.33
CA GLU A 147 -10.93 -7.71 9.08
CA GLU A 147 -11.67 -9.14 12.42
C GLU A 147 -12.06 -7.93 8.10
C GLU A 147 -12.98 -9.83 11.99
N ASN A 148 -13.22 -8.42 8.57
N ASN A 148 -13.97 -9.88 12.85
CA ASN A 148 -14.30 -8.76 7.67
CA ASN A 148 -15.17 -10.47 12.36
C ASN A 148 -15.12 -7.57 7.20
C ASN A 148 -15.58 -9.56 11.21
N GLY A 149 -14.70 -6.36 7.61
N GLY A 149 -14.88 -8.43 11.13
CA GLY A 149 -15.34 -5.11 7.18
CA GLY A 149 -15.03 -7.45 10.04
C GLY A 149 -16.39 -4.62 8.15
C GLY A 149 -16.13 -6.41 10.18
N THR A 150 -16.61 -5.35 9.25
N THR A 150 -16.70 -6.29 11.39
CA THR A 150 -17.56 -4.90 10.26
CA THR A 150 -17.77 -5.34 11.63
C THR A 150 -16.96 -3.79 11.10
C THR A 150 -17.14 -3.92 11.77
N LEU A 151 -17.77 -2.80 11.32
CA LEU A 151 -17.28 -1.47 11.59
C LEU A 151 -18.22 -0.96 12.65
N ARG A 152 -17.71 -0.26 13.66
CA ARG A 152 -18.53 0.19 14.82
CA ARG A 152 -18.56 0.19 14.77
C ARG A 152 -18.15 1.60 15.18
N LEU A 153 -19.10 2.40 15.59
CA LEU A 153 -18.89 3.69 16.19
C LEU A 153 -19.21 3.49 17.69
N LEU A 154 -18.25 3.80 18.53
CA LEU A 154 -18.43 3.55 20.00
C LEU A 154 -18.28 4.88 20.74
N ALA A 155 -19.24 5.08 21.66
CA ALA A 155 -19.16 6.13 22.65
C ALA A 155 -18.14 5.94 23.76
N PRO A 156 -17.79 7.03 24.44
CA PRO A 156 -16.81 6.95 25.51
C PRO A 156 -17.30 5.92 26.51
N GLY A 157 -16.38 5.14 27.01
CA GLY A 157 -16.84 4.06 27.91
C GLY A 157 -16.86 2.77 27.11
N SER B 1 26.34 -18.83 -20.85
CA SER B 1 27.13 -17.58 -20.57
C SER B 1 26.22 -16.48 -19.97
N VAL B 2 26.82 -15.37 -19.49
CA VAL B 2 26.04 -14.40 -18.76
C VAL B 2 24.90 -13.88 -19.64
N LYS B 3 25.13 -13.72 -20.95
CA LYS B 3 24.06 -13.25 -21.82
C LYS B 3 22.91 -14.29 -21.92
N ASP B 4 23.23 -15.59 -21.84
CA ASP B 4 22.18 -16.62 -21.87
C ASP B 4 21.37 -16.56 -20.63
N GLU B 5 22.05 -16.30 -19.52
CA GLU B 5 21.40 -16.11 -18.21
C GLU B 5 20.48 -14.94 -18.24
N ALA B 6 20.84 -13.86 -18.91
CA ALA B 6 19.93 -12.70 -18.92
C ALA B 6 18.61 -13.07 -19.59
N LYS B 7 18.70 -13.77 -20.71
CA LYS B 7 17.49 -14.21 -21.38
C LYS B 7 16.56 -15.06 -20.51
N ILE B 8 17.15 -16.10 -19.92
CA ILE B 8 16.46 -17.03 -19.03
C ILE B 8 15.80 -16.26 -17.88
N SER B 9 16.51 -15.27 -17.33
CA SER B 9 15.90 -14.48 -16.27
C SER B 9 14.75 -13.62 -16.75
N ALA B 10 14.91 -13.03 -17.92
CA ALA B 10 13.83 -12.21 -18.48
C ALA B 10 12.61 -13.07 -18.77
N GLN B 11 12.82 -14.21 -19.43
CA GLN B 11 11.76 -15.15 -19.70
C GLN B 11 11.03 -15.55 -18.37
N SER B 12 11.81 -15.84 -17.30
CA SER B 12 11.22 -16.23 -16.03
C SER B 12 10.43 -15.14 -15.38
N PHE B 13 10.98 -13.93 -15.34
CA PHE B 13 10.16 -12.83 -14.83
C PHE B 13 8.86 -12.61 -15.62
N TYR B 14 8.86 -12.74 -16.93
CA TYR B 14 7.63 -12.61 -17.75
C TYR B 14 6.60 -13.66 -17.31
N GLN B 15 7.01 -14.91 -17.23
CA GLN B 15 6.16 -16.01 -16.79
C GLN B 15 5.60 -15.71 -15.39
N ARG B 16 6.41 -15.24 -14.42
CA ARG B 16 5.93 -14.99 -13.08
C ARG B 16 4.97 -13.81 -13.06
N LEU B 17 5.27 -12.74 -13.80
CA LEU B 17 4.38 -11.60 -13.86
C LEU B 17 3.04 -11.98 -14.54
N LEU B 18 3.09 -12.78 -15.61
CA LEU B 18 1.87 -13.20 -16.25
C LEU B 18 0.99 -14.00 -15.29
N LEU B 19 1.58 -14.90 -14.51
CA LEU B 19 0.81 -15.64 -13.52
C LEU B 19 0.23 -14.74 -12.47
N LEU B 20 1.00 -13.75 -12.05
CA LEU B 20 0.50 -12.87 -11.00
C LEU B 20 -0.72 -12.11 -11.51
N ASN B 21 -0.67 -11.63 -12.74
CA ASN B 21 -1.76 -10.88 -13.32
C ASN B 21 -2.99 -11.77 -13.54
N GLU B 22 -2.73 -12.98 -14.01
CA GLU B 22 -3.80 -13.97 -14.17
C GLU B 22 -4.48 -14.30 -12.83
N GLU B 23 -3.66 -14.46 -11.77
CA GLU B 23 -4.13 -14.78 -10.40
C GLU B 23 -4.92 -13.62 -9.77
N ALA B 24 -4.48 -12.41 -10.05
CA ALA B 24 -5.11 -11.21 -9.54
C ALA B 24 -6.54 -11.18 -10.08
N ILE B 25 -6.60 -11.40 -11.40
CA ILE B 25 -7.89 -11.35 -12.13
C ILE B 25 -8.85 -12.45 -11.67
N LEU B 26 -8.33 -13.65 -11.60
CA LEU B 26 -9.12 -14.81 -11.23
C LEU B 26 -9.57 -14.73 -9.81
N SER B 27 -8.72 -14.22 -8.91
CA SER B 27 -9.00 -14.34 -7.47
C SER B 27 -9.66 -13.06 -6.88
N GLY B 28 -9.64 -11.95 -7.59
CA GLY B 28 -10.05 -10.71 -6.97
C GLY B 28 -9.12 -10.14 -5.93
N GLN B 29 -7.87 -10.67 -5.78
CA GLN B 29 -6.93 -10.12 -4.88
C GLN B 29 -5.87 -9.26 -5.62
N ASP B 30 -5.18 -8.39 -4.87
CA ASP B 30 -4.16 -7.56 -5.44
C ASP B 30 -2.80 -8.14 -5.12
N PHE B 31 -1.94 -7.96 -6.12
CA PHE B 31 -0.57 -8.37 -6.00
C PHE B 31 0.35 -7.22 -6.43
N GLY B 32 1.65 -7.49 -6.36
CA GLY B 32 2.64 -6.45 -6.76
C GLY B 32 4.03 -7.06 -6.86
N VAL B 33 4.93 -6.33 -7.52
CA VAL B 33 6.34 -6.72 -7.54
C VAL B 33 7.18 -5.64 -6.97
N ARG B 34 8.07 -6.01 -6.07
CA ARG B 34 9.07 -5.09 -5.61
C ARG B 34 10.43 -5.44 -6.24
N ILE B 35 11.06 -4.41 -6.78
CA ILE B 35 12.34 -4.56 -7.46
C ILE B 35 13.40 -3.91 -6.58
N ASP B 36 14.41 -4.67 -6.27
CA ASP B 36 15.51 -4.12 -5.44
C ASP B 36 16.74 -4.15 -6.32
N VAL B 37 17.12 -2.98 -6.81
CA VAL B 37 18.12 -2.94 -7.83
C VAL B 37 19.50 -3.40 -7.29
N ASP B 38 19.84 -2.91 -6.11
N ASP B 38 19.91 -2.92 -6.14
CA ASP B 38 21.16 -3.13 -5.51
CA ASP B 38 21.26 -3.18 -5.68
C ASP B 38 21.43 -4.61 -5.26
C ASP B 38 21.47 -4.64 -5.23
N THR B 39 20.37 -5.34 -4.89
CA THR B 39 20.49 -6.73 -4.47
C THR B 39 20.04 -7.68 -5.54
N ARG B 40 19.59 -7.11 -6.65
CA ARG B 40 19.21 -7.85 -7.84
C ARG B 40 17.97 -8.74 -7.53
N ARG B 41 17.12 -8.29 -6.64
CA ARG B 41 15.98 -9.14 -6.28
CA ARG B 41 15.94 -9.08 -6.20
C ARG B 41 14.66 -8.62 -6.79
N LEU B 42 13.77 -9.56 -7.10
CA LEU B 42 12.39 -9.32 -7.46
C LEU B 42 11.53 -10.10 -6.47
N THR B 43 10.58 -9.44 -5.81
CA THR B 43 9.81 -10.08 -4.76
C THR B 43 8.34 -9.96 -5.15
N PHE B 44 7.60 -11.05 -5.08
CA PHE B 44 6.20 -11.11 -5.57
C PHE B 44 5.34 -11.09 -4.29
N LEU B 45 4.57 -10.02 -4.19
CA LEU B 45 3.81 -9.71 -2.98
C LEU B 45 2.34 -9.80 -3.21
N GLN B 46 1.59 -9.96 -2.11
CA GLN B 46 0.13 -9.94 -2.11
C GLN B 46 -0.29 -8.85 -1.07
N LEU B 47 -1.38 -8.14 -1.36
CA LEU B 47 -1.92 -7.11 -0.45
C LEU B 47 -3.00 -7.78 0.39
N THR B 48 -2.84 -7.79 1.70
CA THR B 48 -3.91 -8.20 2.57
C THR B 48 -4.21 -7.04 3.51
N ALA B 49 -5.44 -7.03 3.98
CA ALA B 49 -5.92 -5.96 4.83
C ALA B 49 -5.27 -6.00 6.15
N ASP B 50 -5.14 -7.24 6.65
CA ASP B 50 -4.68 -7.39 7.98
C ASP B 50 -3.17 -7.29 8.11
N LYS B 51 -2.39 -7.65 7.09
CA LYS B 51 -0.90 -7.54 7.19
C LYS B 51 -0.22 -6.64 6.12
N GLY B 52 -1.01 -6.01 5.28
CA GLY B 52 -0.46 -5.16 4.24
C GLY B 52 0.24 -6.03 3.22
N TRP B 53 1.29 -5.49 2.64
CA TRP B 53 1.96 -6.24 1.57
C TRP B 53 2.83 -7.31 2.28
N GLN B 54 2.73 -8.52 1.75
CA GLN B 54 3.52 -9.60 2.24
C GLN B 54 3.93 -10.50 1.08
N LYS B 55 4.99 -11.28 1.30
CA LYS B 55 5.34 -12.23 0.22
C LYS B 55 4.15 -13.15 -0.07
N TRP B 56 3.92 -13.49 -1.33
CA TRP B 56 2.78 -14.33 -1.69
C TRP B 56 3.14 -15.78 -1.49
N GLN B 57 2.70 -16.33 -0.35
CA GLN B 57 2.91 -17.72 -0.03
C GLN B 57 1.92 -18.54 -0.83
N ASN B 58 2.43 -19.34 -1.77
CA ASN B 58 1.59 -20.10 -2.69
C ASN B 58 2.28 -21.33 -3.12
N ASP B 59 1.53 -22.22 -3.75
CA ASP B 59 2.06 -23.49 -4.06
C ASP B 59 2.43 -23.63 -5.55
N LYS B 60 2.47 -22.55 -6.34
CA LYS B 60 2.76 -22.64 -7.80
C LYS B 60 4.09 -21.95 -8.28
N MET B 61 4.41 -20.80 -7.69
CA MET B 61 5.66 -20.12 -8.03
C MET B 61 6.39 -19.65 -6.81
N THR B 62 7.70 -19.47 -6.96
CA THR B 62 8.52 -18.88 -5.93
C THR B 62 8.19 -17.40 -5.85
N ASN B 63 8.28 -16.83 -4.66
CA ASN B 63 7.87 -15.43 -4.47
C ASN B 63 9.07 -14.47 -4.24
N GLN B 64 10.29 -14.98 -4.44
CA GLN B 64 11.47 -14.10 -4.42
C GLN B 64 12.55 -14.62 -5.33
N THR B 65 12.95 -13.83 -6.34
CA THR B 65 13.99 -14.22 -7.32
C THR B 65 15.24 -13.42 -6.95
N THR B 66 16.43 -14.03 -6.92
CA THR B 66 17.62 -13.21 -6.86
C THR B 66 18.46 -13.55 -8.08
N LEU B 67 18.80 -12.54 -8.85
CA LEU B 67 19.61 -12.83 -10.06
C LEU B 67 21.04 -13.27 -9.72
N LYS B 68 21.61 -14.15 -10.53
CA LYS B 68 23.02 -14.54 -10.44
C LYS B 68 23.97 -13.33 -10.53
N GLU B 69 25.13 -13.41 -9.87
CA GLU B 69 25.97 -12.22 -9.59
C GLU B 69 26.56 -11.50 -10.83
N GLY B 70 26.68 -12.25 -11.92
CA GLY B 70 27.10 -11.63 -13.19
C GLY B 70 26.05 -10.78 -13.90
N LEU B 71 24.83 -10.72 -13.34
CA LEU B 71 23.73 -10.00 -13.95
C LEU B 71 23.39 -8.76 -13.19
N GLN B 72 22.73 -7.84 -13.90
CA GLN B 72 22.29 -6.57 -13.38
C GLN B 72 20.85 -6.36 -13.83
N LEU B 73 20.08 -5.57 -13.08
CA LEU B 73 18.71 -5.20 -13.50
C LEU B 73 18.51 -3.68 -13.34
N ASP B 74 17.58 -3.14 -14.11
CA ASP B 74 17.12 -1.79 -13.92
C ASP B 74 15.71 -1.70 -14.39
N PHE B 75 15.00 -0.63 -14.01
CA PHE B 75 13.61 -0.53 -14.43
C PHE B 75 13.28 0.92 -14.55
N GLU B 76 12.29 1.21 -15.39
CA GLU B 76 11.69 2.54 -15.48
C GLU B 76 10.18 2.41 -15.37
N LEU B 77 9.57 3.43 -14.82
CA LEU B 77 8.15 3.48 -14.70
C LEU B 77 7.54 4.43 -15.72
N GLY B 78 6.55 3.94 -16.45
CA GLY B 78 5.93 4.71 -17.53
C GLY B 78 6.98 5.26 -18.46
N GLY B 79 6.92 6.57 -18.66
CA GLY B 79 7.90 7.29 -19.50
C GLY B 79 9.07 7.88 -18.72
N GLY B 80 9.27 7.41 -17.49
CA GLY B 80 10.36 7.94 -16.69
C GLY B 80 11.73 7.37 -17.05
N ALA B 81 12.72 7.84 -16.31
CA ALA B 81 14.09 7.47 -16.49
C ALA B 81 14.39 6.20 -15.74
N TRP B 82 15.47 5.56 -16.12
CA TRP B 82 16.00 4.44 -15.34
C TRP B 82 16.23 4.80 -13.87
N GLN B 83 15.91 3.86 -13.00
CA GLN B 83 15.78 4.11 -11.57
C GLN B 83 17.07 3.72 -10.88
N ASP B 96 16.72 -6.08 19.24
CA ASP B 96 16.97 -6.16 20.69
C ASP B 96 16.44 -7.46 21.23
N GLU B 97 17.07 -7.95 22.31
CA GLU B 97 16.58 -9.11 23.03
C GLU B 97 15.23 -8.80 23.72
N GLU B 98 14.30 -9.74 23.65
CA GLU B 98 13.00 -9.56 24.31
C GLU B 98 13.09 -9.98 25.76
N MET B 99 12.17 -9.46 26.56
CA MET B 99 12.14 -9.79 27.97
C MET B 99 11.47 -11.15 28.18
N PHE B 100 10.53 -11.50 27.30
CA PHE B 100 9.92 -12.81 27.30
C PHE B 100 9.96 -13.36 25.89
N ALA B 101 10.33 -14.64 25.78
CA ALA B 101 10.58 -15.30 24.47
C ALA B 101 9.37 -15.17 23.51
N ASP B 102 8.16 -15.14 24.05
CA ASP B 102 6.94 -15.09 23.25
C ASP B 102 6.42 -13.66 22.96
N GLU B 103 7.20 -12.62 23.26
CA GLU B 103 6.81 -11.20 22.98
C GLU B 103 6.48 -10.96 21.50
N GLU B 110 7.34 -5.09 5.46
CA GLU B 110 7.55 -5.50 4.03
C GLU B 110 7.42 -4.34 3.00
N PRO B 111 8.56 -3.93 2.40
CA PRO B 111 8.55 -2.76 1.59
C PRO B 111 7.59 -2.86 0.38
N ALA B 112 6.94 -1.76 0.03
CA ALA B 112 5.83 -1.77 -0.93
C ALA B 112 6.35 -1.99 -2.32
N PRO B 113 5.56 -2.62 -3.15
CA PRO B 113 5.97 -2.81 -4.53
C PRO B 113 5.89 -1.57 -5.35
N GLN B 114 6.81 -1.42 -6.32
CA GLN B 114 6.75 -0.32 -7.26
C GLN B 114 5.78 -0.69 -8.39
N LEU B 115 5.58 -1.99 -8.59
CA LEU B 115 4.73 -2.51 -9.66
C LEU B 115 3.47 -3.08 -9.00
N PHE B 116 2.32 -2.45 -9.28
CA PHE B 116 1.01 -2.93 -8.80
C PHE B 116 0.38 -3.84 -9.88
N VAL B 117 -0.15 -4.96 -9.44
CA VAL B 117 -0.77 -5.98 -10.29
C VAL B 117 -2.17 -6.19 -9.67
N LEU B 118 -3.10 -5.35 -10.12
CA LEU B 118 -4.35 -5.22 -9.40
C LEU B 118 -5.38 -6.26 -9.91
N SER B 119 -6.35 -6.50 -9.06
CA SER B 119 -7.47 -7.43 -9.39
C SER B 119 -8.28 -7.02 -10.65
N SER B 120 -8.23 -5.74 -11.06
CA SER B 120 -8.91 -5.20 -12.24
C SER B 120 -8.20 -5.66 -13.51
N GLY B 121 -7.00 -6.19 -13.37
CA GLY B 121 -6.23 -6.58 -14.54
C GLY B 121 -5.17 -5.57 -14.97
N GLU B 122 -5.22 -4.38 -14.37
CA GLU B 122 -4.31 -3.32 -14.67
C GLU B 122 -2.92 -3.60 -14.01
N VAL B 123 -1.86 -3.23 -14.69
CA VAL B 123 -0.53 -3.41 -14.20
C VAL B 123 0.21 -2.06 -14.39
N THR B 124 0.99 -1.64 -13.37
CA THR B 124 1.84 -0.42 -13.47
C THR B 124 2.69 -0.41 -14.74
N PRO B 125 2.53 0.61 -15.59
CA PRO B 125 3.33 0.64 -16.84
C PRO B 125 4.78 0.69 -16.48
N PHE B 126 5.57 -0.21 -17.02
CA PHE B 126 7.00 -0.24 -16.62
C PHE B 126 7.80 -0.95 -17.68
N THR B 127 9.11 -0.86 -17.54
CA THR B 127 10.07 -1.75 -18.26
C THR B 127 11.13 -2.21 -17.25
N LEU B 128 11.42 -3.50 -17.23
CA LEU B 128 12.52 -4.07 -16.43
C LEU B 128 13.43 -4.67 -17.45
N SER B 129 14.67 -4.30 -17.36
CA SER B 129 15.65 -4.98 -18.18
C SER B 129 16.71 -5.68 -17.35
N ILE B 130 17.13 -6.81 -17.91
CA ILE B 130 18.12 -7.70 -17.29
C ILE B 130 19.30 -7.87 -18.23
N PHE B 131 20.53 -7.73 -17.68
CA PHE B 131 21.67 -7.68 -18.63
C PHE B 131 22.96 -7.98 -17.94
N PRO B 132 23.98 -8.39 -18.73
CA PRO B 132 25.25 -8.62 -18.14
C PRO B 132 25.81 -7.43 -17.37
N LYS B 133 26.37 -7.74 -16.20
CA LYS B 133 26.84 -6.74 -15.30
C LYS B 133 27.65 -5.59 -16.04
N GLY B 134 27.29 -4.33 -15.80
CA GLY B 134 28.02 -3.20 -16.29
C GLY B 134 27.70 -2.68 -17.69
N GLN B 135 26.71 -3.28 -18.38
CA GLN B 135 26.27 -2.79 -19.68
C GLN B 135 25.24 -1.69 -19.44
N GLU B 136 24.81 -1.01 -20.49
CA GLU B 136 23.77 0.02 -20.35
C GLU B 136 22.43 -0.71 -20.31
N PRO B 137 21.40 -0.14 -19.63
CA PRO B 137 20.18 -0.90 -19.48
C PRO B 137 19.27 -0.88 -20.68
N ASP B 138 19.52 0.05 -21.59
CA ASP B 138 18.70 0.22 -22.76
C ASP B 138 18.84 -0.92 -23.79
N GLU B 139 17.70 -1.25 -24.39
CA GLU B 139 17.62 -2.19 -25.51
C GLU B 139 18.22 -3.52 -25.10
N GLN B 140 17.88 -4.00 -23.89
CA GLN B 140 18.35 -5.28 -23.38
C GLN B 140 17.21 -6.23 -23.33
N TRP B 141 17.44 -7.51 -22.97
CA TRP B 141 16.34 -8.40 -22.60
C TRP B 141 15.45 -7.72 -21.58
N ARG B 142 14.16 -7.62 -21.91
CA ARG B 142 13.32 -6.83 -21.09
C ARG B 142 11.86 -7.32 -21.06
N VAL B 143 11.18 -6.90 -20.01
CA VAL B 143 9.71 -7.17 -19.82
C VAL B 143 9.04 -5.84 -19.65
N THR B 144 7.97 -5.59 -20.44
CA THR B 144 7.34 -4.28 -20.34
C THR B 144 5.84 -4.48 -20.16
N ALA B 145 5.24 -3.63 -19.36
CA ALA B 145 3.82 -3.53 -19.28
C ALA B 145 3.55 -2.15 -19.87
N GLN B 146 2.84 -2.13 -20.98
CA GLN B 146 2.58 -0.89 -21.73
C GLN B 146 1.31 -0.25 -21.23
N GLU B 147 1.15 1.05 -21.53
CA GLU B 147 -0.06 1.86 -21.13
C GLU B 147 -1.37 1.19 -21.63
N ASN B 148 -1.22 0.42 -22.71
CA ASN B 148 -2.29 -0.32 -23.40
C ASN B 148 -2.91 -1.48 -22.57
N GLY B 149 -2.15 -1.98 -21.60
CA GLY B 149 -2.51 -3.21 -20.87
C GLY B 149 -1.63 -4.39 -21.25
N THR B 150 -1.02 -4.35 -22.43
CA THR B 150 -0.29 -5.52 -22.86
C THR B 150 1.07 -5.72 -22.10
N LEU B 151 1.42 -6.99 -21.87
CA LEU B 151 2.71 -7.36 -21.31
C LEU B 151 3.52 -8.02 -22.41
N ARG B 152 4.78 -7.61 -22.52
CA ARG B 152 5.67 -8.06 -23.60
C ARG B 152 7.03 -8.44 -23.08
N LEU B 153 7.57 -9.52 -23.67
CA LEU B 153 8.96 -9.88 -23.48
C LEU B 153 9.65 -9.48 -24.81
N LEU B 154 10.70 -8.71 -24.70
CA LEU B 154 11.45 -8.21 -25.85
C LEU B 154 12.92 -8.56 -25.76
N ALA B 155 13.48 -9.03 -26.88
CA ALA B 155 14.93 -9.38 -26.98
C ALA B 155 15.73 -8.11 -27.06
N PRO B 156 17.07 -8.21 -26.95
CA PRO B 156 17.80 -6.95 -27.10
C PRO B 156 17.59 -6.26 -28.49
N GLY B 157 17.79 -4.95 -28.50
CA GLY B 157 17.52 -4.14 -29.72
C GLY B 157 16.05 -3.76 -29.77
N GLU B 158 15.71 -2.72 -30.53
CA GLU B 158 14.30 -2.29 -30.74
C GLU B 158 13.55 -3.29 -31.63
N SER B 159 12.43 -3.82 -31.18
CA SER B 159 11.66 -4.78 -32.03
C SER B 159 11.22 -4.16 -33.39
N ASP B 160 10.79 -4.98 -34.35
CA ASP B 160 10.25 -4.46 -35.60
C ASP B 160 8.88 -3.83 -35.31
NA NA C . -3.69 12.07 6.64
NA NA D . -2.78 12.52 -4.27
CL CL E . 11.49 -13.71 -11.57
#